data_9KB3
#
_entry.id   9KB3
#
_cell.length_a   86.818
_cell.length_b   86.818
_cell.length_c   141.644
_cell.angle_alpha   90.000
_cell.angle_beta   90.000
_cell.angle_gamma   120.000
#
_symmetry.space_group_name_H-M   'P 31 2 1'
#
loop_
_entity.id
_entity.type
_entity.pdbx_description
1 polymer 'Carbohydrate de-N-acetylated protein'
2 non-polymer '(2~{R},3~{R},4~{S},5~{R})-2-acetamido-3,4,5,6-tetrakis(oxidanyl)hexanoic acid'
3 non-polymer 'ZINC ION'
4 water water
#
_entity_poly.entity_id   1
_entity_poly.type   'polypeptide(L)'
_entity_poly.pdbx_seq_one_letter_code
;MQYDISQPVDTIIYQAKVFDGLGNAPVHMDVAIKGQQIVALGELSAYQATEEVNADGLCLAPGFIDVHTHDDLEVLRNPE
MAAKISQGVTTVITGNCGISAAPAELANDAPDPMNLLGEKAEFKFAQLRDYIDAYKVQKANVNVAALVGHTTLRNNVMAD
LLRPATAAEITLMQQQLDLALSQGALGLSTGLAYKNANQAPSSEVHAFGEVLKKHDALYTTHLRTEFDAVLDAMDEAFAM
EQAFDIKVIISHLKCAGKNNWGRAPELLAKFSEQGEHSKCSCDAYPYAASSSTLDLNQVTDDFDIFITWSDSHPEMAEQL
LADIAKQWGISLLDAAKQLQPAGAVYHGLNEDDVKTILAFDKTMIGSAGLPCDPHPHPRLWGSFPRVLGHYSREQGIFSL
ATAIHKMTGLSAANYRLANRGVIKVGHFADLVLFDADEIIDNATFVESALPASGIHQVWTNGQTTFKDKRVLPAYSGQFL
TSLGASKHD
;
_entity_poly.pdbx_strand_id   A
#
loop_
_chem_comp.id
_chem_comp.type
_chem_comp.name
_chem_comp.formula
A1EEZ non-polymer '(2~{R},3~{R},4~{S},5~{R})-2-acetamido-3,4,5,6-tetrakis(oxidanyl)hexanoic acid' 'C8 H15 N O7'
ZN non-polymer 'ZINC ION' 'Zn 2'
#
# COMPACT_ATOMS: atom_id res chain seq x y z
N GLN A 7 -8.66 2.76 36.86
CA GLN A 7 -7.83 1.74 37.47
C GLN A 7 -7.93 0.36 36.77
N PRO A 8 -9.14 -0.08 36.40
CA PRO A 8 -9.27 -1.27 35.55
C PRO A 8 -9.05 -0.95 34.08
N VAL A 9 -8.69 -1.98 33.34
CA VAL A 9 -8.43 -1.91 31.91
C VAL A 9 -9.37 -2.88 31.21
N ASP A 10 -9.53 -2.69 29.90
CA ASP A 10 -10.41 -3.57 29.14
C ASP A 10 -9.80 -4.94 28.95
N THR A 11 -8.52 -4.99 28.60
CA THR A 11 -7.93 -6.23 28.12
C THR A 11 -6.48 -6.25 28.53
N ILE A 12 -6.03 -7.42 28.95
CA ILE A 12 -4.61 -7.65 29.13
C ILE A 12 -4.26 -8.86 28.31
N ILE A 13 -3.30 -8.70 27.41
CA ILE A 13 -2.72 -9.80 26.68
C ILE A 13 -1.57 -10.33 27.53
N TYR A 14 -1.63 -11.60 27.91
CA TYR A 14 -0.69 -12.21 28.84
C TYR A 14 0.35 -13.01 28.06
N GLN A 15 1.62 -12.77 28.38
CA GLN A 15 2.75 -13.62 28.04
C GLN A 15 2.98 -13.78 26.55
N ALA A 16 2.53 -12.83 25.76
CA ALA A 16 2.94 -12.79 24.37
C ALA A 16 4.44 -12.51 24.27
N LYS A 17 5.04 -12.97 23.18
CA LYS A 17 6.34 -12.47 22.77
C LYS A 17 6.09 -11.19 22.00
N VAL A 18 6.42 -10.04 22.60
CA VAL A 18 5.97 -8.74 22.13
C VAL A 18 7.08 -8.05 21.32
N PHE A 19 6.81 -7.76 20.04
CA PHE A 19 7.68 -6.95 19.20
C PHE A 19 7.22 -5.48 19.24
N ASP A 20 8.11 -4.59 19.65
CA ASP A 20 7.69 -3.21 19.83
C ASP A 20 7.49 -2.48 18.51
N GLY A 21 7.90 -3.06 17.39
CA GLY A 21 7.79 -2.43 16.09
C GLY A 21 9.02 -1.65 15.65
N LEU A 22 10.05 -1.56 16.49
CA LEU A 22 11.25 -0.77 16.19
C LEU A 22 12.40 -1.62 15.68
N GLY A 23 12.18 -2.91 15.41
CA GLY A 23 13.27 -3.78 15.08
C GLY A 23 14.03 -4.35 16.26
N ASN A 24 13.64 -3.99 17.48
CA ASN A 24 14.26 -4.51 18.68
C ASN A 24 13.87 -5.95 18.93
N ALA A 25 14.69 -6.65 19.69
CA ALA A 25 14.39 -8.01 20.06
C ALA A 25 13.04 -8.06 20.79
N PRO A 26 12.23 -9.08 20.55
CA PRO A 26 10.98 -9.21 21.31
C PRO A 26 11.27 -9.45 22.78
N VAL A 27 10.29 -9.09 23.61
CA VAL A 27 10.36 -9.24 25.05
C VAL A 27 9.08 -9.91 25.52
N HIS A 28 9.22 -10.98 26.31
CA HIS A 28 8.05 -11.61 26.91
C HIS A 28 7.51 -10.69 28.00
N MET A 29 6.24 -10.32 27.88
CA MET A 29 5.63 -9.35 28.79
C MET A 29 4.14 -9.32 28.50
N ASP A 30 3.41 -8.50 29.26
CA ASP A 30 1.97 -8.36 29.16
C ASP A 30 1.63 -6.97 28.65
N VAL A 31 0.50 -6.87 27.94
CA VAL A 31 0.06 -5.63 27.30
C VAL A 31 -1.37 -5.33 27.74
N ALA A 32 -1.58 -4.13 28.29
CA ALA A 32 -2.91 -3.72 28.74
C ALA A 32 -3.52 -2.71 27.76
N ILE A 33 -4.75 -3.00 27.36
CA ILE A 33 -5.55 -2.14 26.48
C ILE A 33 -6.68 -1.52 27.30
N LYS A 34 -6.84 -0.21 27.23
CA LYS A 34 -8.06 0.42 27.73
C LYS A 34 -8.56 1.43 26.69
N GLY A 35 -9.79 1.26 26.27
CA GLY A 35 -10.31 2.11 25.21
C GLY A 35 -9.51 1.89 23.94
N GLN A 36 -8.93 2.98 23.42
CA GLN A 36 -8.20 2.94 22.15
C GLN A 36 -6.71 2.68 22.33
N GLN A 37 -6.22 2.68 23.58
CA GLN A 37 -4.80 2.88 23.84
C GLN A 37 -4.16 1.65 24.49
N ILE A 38 -2.86 1.52 24.27
CA ILE A 38 -1.99 0.67 25.08
C ILE A 38 -1.69 1.47 26.34
N VAL A 39 -2.17 0.97 27.50
CA VAL A 39 -2.08 1.74 28.74
C VAL A 39 -1.01 1.23 29.69
N ALA A 40 -0.56 0.00 29.54
CA ALA A 40 0.45 -0.55 30.42
C ALA A 40 1.19 -1.63 29.68
N LEU A 41 2.49 -1.71 29.96
CA LEU A 41 3.32 -2.76 29.39
C LEU A 41 4.15 -3.40 30.50
N GLY A 42 4.36 -4.70 30.36
CA GLY A 42 5.28 -5.41 31.21
C GLY A 42 4.60 -6.46 32.07
N GLU A 43 4.64 -6.21 33.36
CA GLU A 43 4.24 -7.18 34.38
C GLU A 43 2.84 -6.82 34.90
N LEU A 44 1.81 -7.52 34.42
CA LEU A 44 0.45 -7.01 34.61
C LEU A 44 -0.47 -8.01 35.29
N SER A 45 0.04 -8.77 36.27
CA SER A 45 -0.85 -9.54 37.13
C SER A 45 -1.55 -8.65 38.16
N ALA A 46 -0.90 -7.53 38.56
CA ALA A 46 -1.52 -6.58 39.49
C ALA A 46 -2.74 -5.89 38.88
N TYR A 47 -2.72 -5.66 37.56
CA TYR A 47 -3.74 -4.86 36.91
C TYR A 47 -5.06 -5.61 36.80
N GLN A 48 -6.16 -4.86 36.80
CA GLN A 48 -7.51 -5.40 36.80
C GLN A 48 -8.16 -5.26 35.42
N ALA A 49 -8.40 -6.39 34.75
CA ALA A 49 -8.86 -6.39 33.36
C ALA A 49 -10.19 -7.11 33.25
N THR A 50 -11.16 -6.45 32.61
CA THR A 50 -12.38 -7.12 32.17
C THR A 50 -12.06 -8.42 31.43
N GLU A 51 -11.24 -8.32 30.38
CA GLU A 51 -10.90 -9.45 29.52
C GLU A 51 -9.42 -9.78 29.63
N GLU A 52 -9.11 -11.07 29.58
CA GLU A 52 -7.76 -11.59 29.70
C GLU A 52 -7.50 -12.52 28.53
N VAL A 53 -6.40 -12.28 27.83
CA VAL A 53 -6.06 -13.00 26.61
C VAL A 53 -4.76 -13.76 26.89
N ASN A 54 -4.80 -15.08 26.70
CA ASN A 54 -3.62 -15.89 26.94
C ASN A 54 -2.86 -16.02 25.63
N ALA A 55 -1.76 -15.28 25.51
CA ALA A 55 -0.98 -15.24 24.29
C ALA A 55 0.25 -16.12 24.37
N ASP A 56 0.27 -17.06 25.30
CA ASP A 56 1.43 -17.91 25.49
C ASP A 56 1.74 -18.72 24.24
N GLY A 57 3.00 -18.74 23.85
CA GLY A 57 3.39 -19.34 22.59
C GLY A 57 3.10 -18.47 21.37
N LEU A 58 2.52 -17.29 21.56
CA LEU A 58 2.16 -16.40 20.47
C LEU A 58 3.00 -15.13 20.52
N CYS A 59 2.96 -14.40 19.40
CA CYS A 59 3.62 -13.12 19.26
C CYS A 59 2.60 -11.98 19.16
N LEU A 60 2.93 -10.85 19.77
CA LEU A 60 2.18 -9.62 19.64
C LEU A 60 3.03 -8.59 18.89
N ALA A 61 2.43 -7.90 17.93
CA ALA A 61 3.11 -6.85 17.19
C ALA A 61 2.13 -5.70 16.99
N PRO A 62 2.64 -4.49 16.68
CA PRO A 62 1.73 -3.42 16.25
C PRO A 62 0.96 -3.88 15.02
N GLY A 63 -0.26 -3.38 14.88
CA GLY A 63 -1.00 -3.66 13.67
C GLY A 63 -0.21 -3.26 12.45
N PHE A 64 -0.40 -4.01 11.37
CA PHE A 64 0.40 -3.77 10.18
C PHE A 64 -0.15 -2.60 9.38
N ILE A 65 0.77 -1.79 8.86
CA ILE A 65 0.42 -0.60 8.10
C ILE A 65 0.65 -0.87 6.62
N ASP A 66 -0.43 -0.99 5.85
CA ASP A 66 -0.27 -1.21 4.42
C ASP A 66 -0.03 0.14 3.78
N VAL A 67 1.25 0.43 3.49
CA VAL A 67 1.61 1.75 3.00
C VAL A 67 1.30 1.94 1.53
N HIS A 68 1.05 0.86 0.76
CA HIS A 68 0.70 1.00 -0.65
C HIS A 68 -0.59 0.26 -0.97
N THR A 69 -1.71 0.95 -0.80
CA THR A 69 -3.00 0.39 -1.18
C THR A 69 -3.61 1.26 -2.25
N HIS A 70 -4.62 0.67 -2.88
CA HIS A 70 -5.59 1.40 -3.66
C HIS A 70 -6.98 1.16 -3.09
N ASP A 71 -7.09 1.20 -1.76
CA ASP A 71 -8.31 0.92 -1.04
C ASP A 71 -9.21 2.16 -0.84
N ASP A 72 -8.97 3.25 -1.58
CA ASP A 72 -9.72 4.50 -1.40
C ASP A 72 -11.22 4.27 -1.31
N LEU A 73 -11.80 3.62 -2.31
CA LEU A 73 -13.24 3.33 -2.33
C LEU A 73 -13.57 1.98 -1.67
N GLU A 74 -12.60 1.06 -1.63
CA GLU A 74 -12.86 -0.23 -1.00
C GLU A 74 -13.26 -0.09 0.47
N VAL A 75 -12.60 0.79 1.22
CA VAL A 75 -12.94 1.01 2.63
C VAL A 75 -14.35 1.51 2.80
N LEU A 76 -14.91 2.14 1.77
CA LEU A 76 -16.29 2.62 1.88
C LEU A 76 -17.28 1.53 1.49
N ARG A 77 -17.00 0.80 0.41
CA ARG A 77 -17.86 -0.31 0.02
C ARG A 77 -17.79 -1.44 1.02
N ASN A 78 -16.61 -1.66 1.59
CA ASN A 78 -16.28 -2.90 2.30
C ASN A 78 -15.55 -2.52 3.59
N PRO A 79 -16.24 -1.86 4.53
CA PRO A 79 -15.58 -1.45 5.79
C PRO A 79 -14.97 -2.60 6.59
N GLU A 80 -15.41 -3.84 6.38
CA GLU A 80 -14.79 -4.94 7.11
C GLU A 80 -13.36 -5.17 6.66
N MET A 81 -13.06 -4.93 5.37
CA MET A 81 -11.69 -4.96 4.84
C MET A 81 -11.01 -6.29 5.14
N ALA A 82 -11.70 -7.39 4.83
CA ALA A 82 -11.23 -8.71 5.22
C ALA A 82 -9.86 -9.01 4.63
N ALA A 83 -9.64 -8.63 3.35
CA ALA A 83 -8.37 -8.89 2.68
C ALA A 83 -7.19 -8.29 3.44
N LYS A 84 -7.38 -7.13 4.05
CA LYS A 84 -6.31 -6.51 4.81
C LYS A 84 -6.30 -6.96 6.26
N ILE A 85 -7.49 -6.95 6.89
CA ILE A 85 -7.64 -7.30 8.31
C ILE A 85 -7.17 -8.73 8.56
N SER A 86 -7.52 -9.66 7.66
CA SER A 86 -7.09 -11.04 7.84
C SER A 86 -5.58 -11.21 7.69
N GLN A 87 -4.88 -10.22 7.14
CA GLN A 87 -3.43 -10.24 7.11
C GLN A 87 -2.82 -9.56 8.34
N GLY A 88 -3.65 -9.00 9.22
CA GLY A 88 -3.14 -8.22 10.32
C GLY A 88 -2.98 -6.73 10.04
N VAL A 89 -3.47 -6.25 8.89
CA VAL A 89 -3.35 -4.84 8.56
C VAL A 89 -4.41 -4.05 9.32
N THR A 90 -3.98 -3.02 10.04
CA THR A 90 -4.87 -2.16 10.78
C THR A 90 -4.98 -0.75 10.21
N THR A 91 -4.07 -0.36 9.32
CA THR A 91 -4.05 0.96 8.70
C THR A 91 -3.72 0.80 7.23
N VAL A 92 -4.49 1.47 6.37
CA VAL A 92 -4.20 1.53 4.95
C VAL A 92 -3.88 2.96 4.54
N ILE A 93 -2.88 3.10 3.68
CA ILE A 93 -2.54 4.36 3.03
C ILE A 93 -3.13 4.30 1.62
N THR A 94 -4.11 5.17 1.38
CA THR A 94 -4.85 5.23 0.13
C THR A 94 -4.30 6.35 -0.76
N GLY A 95 -4.75 6.33 -2.02
CA GLY A 95 -4.45 7.43 -2.92
C GLY A 95 -3.11 7.31 -3.61
N ASN A 96 -2.69 6.10 -3.95
CA ASN A 96 -1.35 5.90 -4.44
C ASN A 96 -1.32 5.91 -5.98
N CYS A 97 -0.11 6.07 -6.51
CA CYS A 97 0.18 6.01 -7.94
C CYS A 97 -0.58 7.07 -8.74
N GLY A 98 -0.83 8.23 -8.14
CA GLY A 98 -1.48 9.31 -8.82
C GLY A 98 -2.99 9.25 -8.85
N ILE A 99 -3.61 8.22 -8.26
CA ILE A 99 -5.06 8.08 -8.30
C ILE A 99 -5.60 8.04 -6.88
N SER A 100 -6.59 8.90 -6.61
CA SER A 100 -7.25 8.94 -5.33
C SER A 100 -8.73 9.18 -5.56
N ALA A 101 -9.51 8.91 -4.51
CA ALA A 101 -10.96 9.06 -4.59
C ALA A 101 -11.39 10.51 -4.41
N ALA A 102 -10.51 11.34 -3.86
CA ALA A 102 -10.77 12.74 -3.55
C ALA A 102 -9.44 13.47 -3.67
N PRO A 103 -9.46 14.79 -4.01
CA PRO A 103 -10.60 15.58 -4.50
C PRO A 103 -10.84 15.29 -5.98
N ALA A 104 -12.04 14.92 -6.37
CA ALA A 104 -12.24 14.44 -7.72
C ALA A 104 -13.66 14.74 -8.17
N GLU A 105 -13.79 15.39 -9.32
CA GLU A 105 -15.06 15.52 -10.01
C GLU A 105 -14.90 14.87 -11.37
N LEU A 106 -15.84 14.00 -11.72
CA LEU A 106 -15.74 13.20 -12.93
C LEU A 106 -16.69 13.78 -13.99
N ALA A 107 -16.12 14.44 -14.99
CA ALA A 107 -16.94 14.92 -16.10
C ALA A 107 -17.56 13.75 -16.86
N ASN A 108 -16.72 12.85 -17.34
CA ASN A 108 -17.21 11.65 -18.02
C ASN A 108 -16.74 10.44 -17.24
N ASP A 109 -16.26 9.42 -17.95
CA ASP A 109 -15.70 8.23 -17.31
C ASP A 109 -14.53 8.59 -16.42
N ALA A 110 -14.17 7.67 -15.53
CA ALA A 110 -12.95 7.84 -14.74
C ALA A 110 -11.75 7.44 -15.60
N PRO A 111 -10.76 8.30 -15.77
CA PRO A 111 -9.65 7.98 -16.67
C PRO A 111 -8.75 6.91 -16.08
N ASP A 112 -8.15 6.12 -16.98
CA ASP A 112 -7.19 5.10 -16.55
C ASP A 112 -6.07 5.76 -15.75
N PRO A 113 -5.63 5.15 -14.65
CA PRO A 113 -6.07 3.88 -14.07
C PRO A 113 -7.01 4.10 -12.86
N MET A 114 -7.79 5.20 -12.84
CA MET A 114 -8.68 5.43 -11.71
C MET A 114 -9.74 4.35 -11.56
N ASN A 115 -10.04 3.61 -12.63
CA ASN A 115 -10.93 2.46 -12.54
C ASN A 115 -10.43 1.40 -11.58
N LEU A 116 -9.14 1.41 -11.24
CA LEU A 116 -8.65 0.51 -10.20
C LEU A 116 -9.33 0.77 -8.87
N LEU A 117 -9.83 1.98 -8.64
CA LEU A 117 -10.42 2.31 -7.34
C LEU A 117 -11.88 1.88 -7.26
N GLY A 118 -12.65 2.12 -8.32
CA GLY A 118 -14.05 1.78 -8.33
C GLY A 118 -14.68 2.23 -9.64
N GLU A 119 -16.01 2.20 -9.66
CA GLU A 119 -16.77 2.65 -10.82
C GLU A 119 -17.02 4.15 -10.74
N LYS A 120 -17.25 4.74 -11.92
CA LYS A 120 -17.39 6.19 -12.04
C LYS A 120 -18.34 6.75 -10.99
N ALA A 121 -19.48 6.08 -10.78
CA ALA A 121 -20.51 6.63 -9.91
C ALA A 121 -20.06 6.71 -8.45
N GLU A 122 -18.98 6.01 -8.08
CA GLU A 122 -18.55 6.03 -6.68
C GLU A 122 -17.78 7.29 -6.32
N PHE A 123 -17.31 8.05 -7.31
CA PHE A 123 -16.48 9.23 -7.07
C PHE A 123 -17.39 10.41 -6.75
N LYS A 124 -17.77 10.51 -5.47
CA LYS A 124 -18.69 11.53 -4.99
C LYS A 124 -18.02 12.51 -4.06
N PHE A 125 -16.70 12.71 -4.19
CA PHE A 125 -15.95 13.46 -3.18
C PHE A 125 -15.12 14.50 -3.91
N ALA A 126 -15.72 15.66 -4.10
CA ALA A 126 -15.06 16.71 -4.86
C ALA A 126 -14.00 17.37 -4.00
N GLN A 127 -14.19 17.40 -2.68
CA GLN A 127 -13.17 17.82 -1.74
C GLN A 127 -12.83 16.64 -0.84
N LEU A 128 -11.63 16.68 -0.27
CA LEU A 128 -11.19 15.60 0.60
C LEU A 128 -12.14 15.42 1.77
N ARG A 129 -12.64 16.53 2.34
CA ARG A 129 -13.52 16.39 3.49
C ARG A 129 -14.77 15.61 3.16
N ASP A 130 -15.25 15.66 1.92
CA ASP A 130 -16.39 14.81 1.55
C ASP A 130 -16.03 13.35 1.65
N TYR A 131 -14.80 13.01 1.24
CA TYR A 131 -14.32 11.64 1.40
C TYR A 131 -14.22 11.27 2.88
N ILE A 132 -13.65 12.16 3.70
CA ILE A 132 -13.54 11.88 5.13
C ILE A 132 -14.92 11.71 5.75
N ASP A 133 -15.87 12.56 5.37
CA ASP A 133 -17.23 12.41 5.89
C ASP A 133 -17.82 11.09 5.46
N ALA A 134 -17.63 10.72 4.20
CA ALA A 134 -18.08 9.40 3.74
C ALA A 134 -17.45 8.30 4.58
N TYR A 135 -16.16 8.44 4.90
CA TYR A 135 -15.53 7.43 5.73
C TYR A 135 -16.19 7.38 7.10
N LYS A 136 -16.51 8.54 7.67
CA LYS A 136 -16.96 8.58 9.05
C LYS A 136 -18.39 8.07 9.24
N VAL A 137 -19.14 7.87 8.16
CA VAL A 137 -20.48 7.29 8.26
C VAL A 137 -20.44 5.96 9.00
N GLN A 138 -19.66 4.99 8.49
CA GLN A 138 -19.50 3.70 9.13
C GLN A 138 -18.13 3.51 9.77
N LYS A 139 -17.15 4.30 9.40
CA LYS A 139 -15.75 4.01 9.66
C LYS A 139 -15.41 2.64 9.06
N ALA A 140 -14.35 2.00 9.53
CA ALA A 140 -13.96 0.74 8.91
C ALA A 140 -13.12 -0.01 9.91
N ASN A 141 -12.85 -1.27 9.58
CA ASN A 141 -11.94 -2.05 10.41
C ASN A 141 -10.49 -1.58 10.34
N VAL A 142 -10.14 -0.75 9.35
CA VAL A 142 -8.79 -0.21 9.25
C VAL A 142 -8.87 1.30 9.43
N ASN A 143 -7.78 1.87 9.94
CA ASN A 143 -7.55 3.29 9.82
C ASN A 143 -7.22 3.63 8.37
N VAL A 144 -7.54 4.86 7.99
CA VAL A 144 -7.24 5.37 6.66
C VAL A 144 -6.42 6.65 6.81
N ALA A 145 -5.30 6.70 6.10
CA ALA A 145 -4.58 7.94 5.85
C ALA A 145 -4.54 8.09 4.33
N ALA A 146 -4.86 9.27 3.83
CA ALA A 146 -5.15 9.47 2.41
C ALA A 146 -4.12 10.39 1.77
N LEU A 147 -3.53 9.91 0.68
CA LEU A 147 -2.77 10.75 -0.24
C LEU A 147 -3.70 11.23 -1.36
N VAL A 148 -3.29 12.33 -1.99
CA VAL A 148 -4.01 12.90 -3.12
C VAL A 148 -3.29 12.46 -4.40
N GLY A 149 -4.05 11.98 -5.36
CA GLY A 149 -3.48 11.51 -6.62
C GLY A 149 -3.29 12.62 -7.65
N HIS A 150 -2.06 12.73 -8.16
CA HIS A 150 -1.73 13.73 -9.17
C HIS A 150 -2.56 13.56 -10.44
N THR A 151 -2.63 12.32 -10.94
CA THR A 151 -3.45 12.06 -12.11
C THR A 151 -4.89 12.47 -11.86
N THR A 152 -5.40 12.19 -10.66
CA THR A 152 -6.77 12.58 -10.30
C THR A 152 -6.93 14.10 -10.37
N LEU A 153 -5.93 14.83 -9.85
CA LEU A 153 -5.98 16.29 -9.93
C LEU A 153 -5.95 16.75 -11.38
N ARG A 154 -5.10 16.14 -12.20
CA ARG A 154 -5.05 16.51 -13.61
C ARG A 154 -6.40 16.35 -14.27
N ASN A 155 -7.09 15.24 -13.99
CA ASN A 155 -8.41 14.99 -14.56
C ASN A 155 -9.45 16.01 -14.10
N ASN A 156 -9.25 16.63 -12.94
CA ASN A 156 -10.17 17.68 -12.50
C ASN A 156 -10.10 18.91 -13.41
N VAL A 157 -8.96 19.17 -14.06
CA VAL A 157 -8.77 20.45 -14.71
C VAL A 157 -8.38 20.29 -16.16
N MET A 158 -8.19 19.05 -16.59
CA MET A 158 -7.81 18.74 -17.96
C MET A 158 -8.86 17.84 -18.59
N ALA A 159 -9.34 18.21 -19.78
CA ALA A 159 -10.16 17.29 -20.54
C ALA A 159 -9.30 16.35 -21.34
N ASP A 160 -8.28 16.88 -22.02
CA ASP A 160 -7.28 16.08 -22.69
C ASP A 160 -6.09 15.89 -21.76
N LEU A 161 -5.85 14.65 -21.34
CA LEU A 161 -4.76 14.36 -20.43
C LEU A 161 -3.47 13.99 -21.14
N LEU A 162 -3.50 13.82 -22.47
CA LEU A 162 -2.31 13.40 -23.22
C LEU A 162 -1.44 14.61 -23.58
N ARG A 163 -0.96 15.27 -22.54
CA ARG A 163 -0.24 16.53 -22.63
C ARG A 163 0.22 16.97 -21.24
N PRO A 164 1.22 17.84 -21.16
CA PRO A 164 1.42 18.59 -19.91
C PRO A 164 0.17 19.39 -19.57
N ALA A 165 -0.03 19.62 -18.28
CA ALA A 165 -0.99 20.63 -17.89
C ALA A 165 -0.44 22.01 -18.24
N THR A 166 -1.34 22.94 -18.53
CA THR A 166 -0.89 24.32 -18.66
C THR A 166 -0.48 24.87 -17.31
N ALA A 167 0.27 25.98 -17.34
CA ALA A 167 0.64 26.63 -16.08
C ALA A 167 -0.58 26.94 -15.24
N ALA A 168 -1.67 27.35 -15.90
CA ALA A 168 -2.85 27.76 -15.15
C ALA A 168 -3.57 26.55 -14.58
N GLU A 169 -3.60 25.44 -15.33
CA GLU A 169 -4.08 24.18 -14.77
C GLU A 169 -3.22 23.77 -13.58
N ILE A 170 -1.90 23.93 -13.70
CA ILE A 170 -1.03 23.60 -12.57
C ILE A 170 -1.42 24.41 -11.35
N THR A 171 -1.70 25.70 -11.56
CA THR A 171 -2.09 26.58 -10.46
C THR A 171 -3.37 26.10 -9.78
N LEU A 172 -4.35 25.70 -10.58
CA LEU A 172 -5.57 25.12 -10.02
C LEU A 172 -5.26 23.90 -9.17
N MET A 173 -4.43 22.99 -9.72
CA MET A 173 -4.10 21.74 -9.03
C MET A 173 -3.36 22.00 -7.73
N GLN A 174 -2.36 22.91 -7.76
CA GLN A 174 -1.73 23.37 -6.54
C GLN A 174 -2.76 23.74 -5.48
N GLN A 175 -3.73 24.59 -5.85
CA GLN A 175 -4.73 25.03 -4.87
C GLN A 175 -5.59 23.87 -4.40
N GLN A 176 -5.93 22.95 -5.31
CA GLN A 176 -6.67 21.76 -4.90
C GLN A 176 -5.84 20.92 -3.94
N LEU A 177 -4.57 20.70 -4.26
CA LEU A 177 -3.71 19.96 -3.35
C LEU A 177 -3.63 20.67 -2.01
N ASP A 178 -3.41 21.98 -2.03
CA ASP A 178 -3.26 22.73 -0.78
C ASP A 178 -4.49 22.59 0.09
N LEU A 179 -5.68 22.67 -0.52
CA LEU A 179 -6.91 22.49 0.22
C LEU A 179 -7.04 21.08 0.75
N ALA A 180 -6.76 20.10 -0.10
CA ALA A 180 -6.75 18.71 0.33
C ALA A 180 -5.78 18.50 1.49
N LEU A 181 -4.59 19.10 1.41
CA LEU A 181 -3.65 18.95 2.52
C LEU A 181 -4.21 19.56 3.80
N SER A 182 -4.83 20.74 3.70
CA SER A 182 -5.42 21.37 4.87
C SER A 182 -6.55 20.54 5.45
N GLN A 183 -7.25 19.80 4.61
CA GLN A 183 -8.39 19.00 5.04
C GLN A 183 -7.99 17.64 5.55
N GLY A 184 -6.70 17.33 5.60
CA GLY A 184 -6.27 16.09 6.22
C GLY A 184 -5.34 15.20 5.43
N ALA A 185 -5.22 15.41 4.11
CA ALA A 185 -4.42 14.54 3.25
C ALA A 185 -2.95 14.54 3.67
N LEU A 186 -2.31 13.38 3.50
CA LEU A 186 -0.92 13.20 3.94
C LEU A 186 0.08 13.79 2.97
N GLY A 187 -0.28 13.86 1.70
CA GLY A 187 0.64 14.35 0.70
C GLY A 187 0.10 14.07 -0.69
N LEU A 188 1.01 14.05 -1.66
CA LEU A 188 0.70 13.85 -3.07
C LEU A 188 1.35 12.57 -3.56
N SER A 189 0.67 11.89 -4.47
CA SER A 189 1.23 10.74 -5.14
C SER A 189 1.15 10.96 -6.66
N THR A 190 2.12 10.42 -7.36
CA THR A 190 2.12 10.40 -8.82
C THR A 190 2.21 8.97 -9.31
N GLY A 191 1.80 8.79 -10.56
CA GLY A 191 1.96 7.54 -11.26
C GLY A 191 2.40 7.86 -12.67
N LEU A 192 3.68 8.15 -12.84
CA LEU A 192 4.13 8.81 -14.05
C LEU A 192 4.28 7.85 -15.22
N ALA A 193 4.20 6.54 -15.00
CA ALA A 193 4.26 5.61 -16.11
C ALA A 193 2.93 5.45 -16.82
N TYR A 194 1.83 5.93 -16.23
CA TYR A 194 0.51 5.76 -16.81
C TYR A 194 0.22 6.79 -17.90
N LYS A 195 -0.46 6.32 -18.95
CA LYS A 195 -0.78 7.12 -20.12
C LYS A 195 -1.25 8.54 -19.78
N ASN A 196 -2.16 8.66 -18.82
CA ASN A 196 -2.78 9.96 -18.55
C ASN A 196 -1.98 10.82 -17.61
N ALA A 197 -0.82 10.34 -17.16
CA ALA A 197 0.12 11.16 -16.41
C ALA A 197 1.49 11.28 -17.09
N ASN A 198 1.76 10.46 -18.11
CA ASN A 198 3.12 10.30 -18.57
C ASN A 198 3.66 11.53 -19.29
N GLN A 199 2.78 12.38 -19.80
CA GLN A 199 3.21 13.60 -20.47
C GLN A 199 3.37 14.75 -19.51
N ALA A 200 3.10 14.52 -18.23
CA ALA A 200 3.41 15.49 -17.19
C ALA A 200 4.92 15.62 -17.06
N PRO A 201 5.51 16.76 -17.37
CA PRO A 201 6.95 16.91 -17.23
C PRO A 201 7.33 16.99 -15.75
N SER A 202 8.63 16.82 -15.50
CA SER A 202 9.10 16.86 -14.12
C SER A 202 8.83 18.22 -13.48
N SER A 203 8.74 19.29 -14.28
CA SER A 203 8.44 20.59 -13.70
C SER A 203 7.00 20.67 -13.21
N GLU A 204 6.09 19.94 -13.85
CA GLU A 204 4.71 19.92 -13.38
C GLU A 204 4.65 19.29 -11.99
N VAL A 205 5.35 18.16 -11.80
CA VAL A 205 5.45 17.58 -10.46
C VAL A 205 6.16 18.53 -9.51
N HIS A 206 7.21 19.21 -9.99
CA HIS A 206 7.91 20.17 -9.16
C HIS A 206 7.00 21.28 -8.69
N ALA A 207 6.01 21.64 -9.50
CA ALA A 207 5.11 22.72 -9.11
C ALA A 207 4.32 22.42 -7.84
N PHE A 208 4.35 21.19 -7.36
CA PHE A 208 3.62 20.88 -6.13
C PHE A 208 4.48 20.98 -4.89
N GLY A 209 5.80 21.17 -5.05
CA GLY A 209 6.72 21.00 -3.93
C GLY A 209 6.57 22.05 -2.85
N GLU A 210 6.35 23.31 -3.24
CA GLU A 210 6.17 24.36 -2.25
C GLU A 210 4.94 24.09 -1.41
N VAL A 211 3.87 23.62 -2.04
CA VAL A 211 2.66 23.29 -1.28
C VAL A 211 2.95 22.12 -0.33
N LEU A 212 3.68 21.11 -0.81
CA LEU A 212 4.01 19.98 0.05
C LEU A 212 4.88 20.43 1.22
N LYS A 213 5.97 21.15 0.93
CA LYS A 213 6.83 21.65 2.00
C LYS A 213 6.05 22.51 2.98
N LYS A 214 5.16 23.36 2.48
CA LYS A 214 4.38 24.22 3.34
C LYS A 214 3.65 23.41 4.41
N HIS A 215 3.03 22.30 4.00
CA HIS A 215 2.28 21.44 4.91
C HIS A 215 3.14 20.37 5.56
N ASP A 216 4.45 20.37 5.32
CA ASP A 216 5.31 19.29 5.75
C ASP A 216 4.72 17.94 5.36
N ALA A 217 4.27 17.87 4.11
CA ALA A 217 3.55 16.71 3.58
C ALA A 217 4.47 15.81 2.74
N LEU A 218 3.93 14.64 2.39
CA LEU A 218 4.68 13.60 1.71
C LEU A 218 4.49 13.64 0.19
N TYR A 219 5.49 13.10 -0.50
CA TYR A 219 5.42 12.87 -1.93
C TYR A 219 5.73 11.40 -2.16
N THR A 220 4.81 10.69 -2.81
CA THR A 220 5.05 9.29 -3.14
C THR A 220 4.92 9.13 -4.66
N THR A 221 5.64 8.17 -5.23
CA THR A 221 5.64 8.12 -6.68
C THR A 221 5.77 6.70 -7.19
N HIS A 222 4.81 6.30 -8.01
CA HIS A 222 5.00 5.26 -9.00
C HIS A 222 5.84 5.86 -10.11
N LEU A 223 7.09 5.37 -10.25
CA LEU A 223 8.09 5.98 -11.11
C LEU A 223 7.64 6.07 -12.57
N ARG A 224 8.18 7.06 -13.29
CA ARG A 224 7.87 7.22 -14.70
C ARG A 224 8.16 5.97 -15.52
N THR A 225 9.17 5.18 -15.14
CA THR A 225 9.33 3.86 -15.71
C THR A 225 10.02 2.96 -14.69
N GLU A 226 9.63 1.69 -14.70
CA GLU A 226 10.25 0.68 -13.86
C GLU A 226 11.04 -0.32 -14.67
N PHE A 227 11.28 -0.04 -15.94
CA PHE A 227 11.98 -0.94 -16.86
C PHE A 227 13.37 -0.38 -17.11
N ASP A 228 13.85 -0.30 -18.37
CA ASP A 228 15.26 -0.08 -18.65
C ASP A 228 15.79 1.18 -17.96
N ALA A 229 15.02 2.27 -18.02
CA ALA A 229 15.45 3.57 -17.52
C ALA A 229 14.94 3.84 -16.10
N VAL A 230 14.77 2.80 -15.30
CA VAL A 230 14.28 2.99 -13.94
C VAL A 230 15.17 3.94 -13.15
N LEU A 231 16.49 3.89 -13.36
CA LEU A 231 17.36 4.76 -12.60
C LEU A 231 17.14 6.22 -12.96
N ASP A 232 16.87 6.51 -14.24
CA ASP A 232 16.55 7.89 -14.61
C ASP A 232 15.29 8.35 -13.93
N ALA A 233 14.32 7.44 -13.80
CA ALA A 233 13.04 7.78 -13.20
C ALA A 233 13.21 8.08 -11.72
N MET A 234 14.13 7.37 -11.05
CA MET A 234 14.40 7.65 -9.64
C MET A 234 14.98 9.04 -9.45
N ASP A 235 15.79 9.53 -10.41
CA ASP A 235 16.34 10.88 -10.32
C ASP A 235 15.22 11.90 -10.17
N GLU A 236 14.09 11.65 -10.85
CA GLU A 236 12.93 12.53 -10.74
C GLU A 236 12.43 12.61 -9.31
N ALA A 237 12.28 11.44 -8.66
CA ALA A 237 11.83 11.41 -7.27
C ALA A 237 12.80 12.15 -6.36
N PHE A 238 14.09 11.84 -6.46
CA PHE A 238 15.08 12.49 -5.60
C PHE A 238 15.04 14.01 -5.80
N ALA A 239 14.89 14.47 -7.05
CA ALA A 239 14.84 15.91 -7.32
C ALA A 239 13.76 16.60 -6.50
N MET A 240 12.62 15.93 -6.29
CA MET A 240 11.59 16.47 -5.40
C MET A 240 12.15 16.69 -4.00
N GLU A 241 12.83 15.69 -3.47
CA GLU A 241 13.42 15.81 -2.16
C GLU A 241 14.53 16.85 -2.13
N GLN A 242 15.38 16.87 -3.18
CA GLN A 242 16.45 17.86 -3.22
C GLN A 242 15.89 19.27 -3.24
N ALA A 243 14.90 19.54 -4.09
CA ALA A 243 14.39 20.90 -4.25
C ALA A 243 13.66 21.38 -3.02
N PHE A 244 12.92 20.49 -2.35
CA PHE A 244 11.96 20.94 -1.36
C PHE A 244 12.16 20.36 0.03
N ASP A 245 13.11 19.44 0.22
CA ASP A 245 13.37 18.85 1.54
C ASP A 245 12.11 18.24 2.15
N ILE A 246 11.35 17.52 1.33
CA ILE A 246 10.15 16.84 1.79
C ILE A 246 10.44 15.34 1.80
N LYS A 247 9.61 14.61 2.55
CA LYS A 247 9.71 13.15 2.59
C LYS A 247 9.17 12.56 1.30
N VAL A 248 9.97 11.71 0.65
CA VAL A 248 9.65 11.09 -0.62
C VAL A 248 9.63 9.58 -0.43
N ILE A 249 8.63 8.90 -1.00
CA ILE A 249 8.55 7.45 -0.91
C ILE A 249 8.35 6.91 -2.31
N ILE A 250 9.28 6.07 -2.76
CA ILE A 250 9.15 5.45 -4.07
C ILE A 250 8.31 4.18 -3.92
N SER A 251 7.17 4.14 -4.61
CA SER A 251 6.23 3.04 -4.50
C SER A 251 6.72 1.79 -5.23
N HIS A 252 6.35 0.62 -4.68
CA HIS A 252 6.67 -0.73 -5.13
C HIS A 252 7.95 -0.76 -5.98
N LEU A 253 9.07 -0.48 -5.30
CA LEU A 253 10.37 -0.46 -5.93
C LEU A 253 10.68 -1.79 -6.61
N LYS A 254 11.18 -1.74 -7.83
CA LYS A 254 11.42 -2.95 -8.59
C LYS A 254 12.23 -2.60 -9.82
N CYS A 255 12.85 -3.62 -10.41
CA CYS A 255 13.44 -3.52 -11.74
C CYS A 255 12.76 -4.59 -12.59
N ALA A 256 11.81 -4.16 -13.41
CA ALA A 256 10.99 -5.08 -14.17
C ALA A 256 11.56 -5.29 -15.57
N GLY A 257 11.26 -6.46 -16.14
CA GLY A 257 11.69 -6.78 -17.49
C GLY A 257 12.91 -7.68 -17.52
N LYS A 258 12.91 -8.65 -18.43
CA LYS A 258 14.04 -9.57 -18.54
C LYS A 258 15.37 -8.82 -18.68
N ASN A 259 15.36 -7.68 -19.39
CA ASN A 259 16.55 -6.84 -19.51
C ASN A 259 17.13 -6.45 -18.17
N ASN A 260 16.29 -6.39 -17.14
CA ASN A 260 16.66 -5.72 -15.91
C ASN A 260 16.79 -6.65 -14.73
N TRP A 261 16.63 -7.94 -14.93
CA TRP A 261 16.78 -8.88 -13.84
C TRP A 261 18.21 -8.86 -13.35
N GLY A 262 18.38 -8.83 -12.03
CA GLY A 262 19.66 -8.71 -11.39
C GLY A 262 20.12 -7.29 -11.14
N ARG A 263 19.31 -6.30 -11.43
CA ARG A 263 19.73 -4.92 -11.27
C ARG A 263 19.35 -4.34 -9.91
N ALA A 264 18.82 -5.14 -8.99
CA ALA A 264 18.44 -4.60 -7.69
C ALA A 264 19.57 -3.87 -6.97
N PRO A 265 20.83 -4.35 -6.97
CA PRO A 265 21.91 -3.53 -6.39
C PRO A 265 21.97 -2.11 -6.95
N GLU A 266 21.75 -1.94 -8.26
CA GLU A 266 21.78 -0.60 -8.85
C GLU A 266 20.70 0.29 -8.26
N LEU A 267 19.52 -0.28 -8.01
CA LEU A 267 18.43 0.46 -7.36
C LEU A 267 18.83 0.89 -5.97
N LEU A 268 19.48 -0.01 -5.23
CA LEU A 268 19.91 0.34 -3.88
C LEU A 268 20.95 1.47 -3.92
N ALA A 269 21.92 1.35 -4.84
CA ALA A 269 23.04 2.30 -4.90
C ALA A 269 22.57 3.67 -5.38
N LYS A 270 21.50 3.69 -6.17
CA LYS A 270 20.92 4.93 -6.64
C LYS A 270 20.59 5.89 -5.50
N PHE A 271 20.23 5.36 -4.31
CA PHE A 271 19.92 6.23 -3.19
C PHE A 271 21.12 7.06 -2.73
N SER A 272 22.34 6.68 -3.13
CA SER A 272 23.52 7.49 -2.86
C SER A 272 23.53 8.81 -3.63
N GLU A 273 22.64 9.01 -4.58
CA GLU A 273 22.62 10.21 -5.39
C GLU A 273 21.60 11.24 -4.89
N GLN A 274 21.10 11.08 -3.67
CA GLN A 274 20.09 12.00 -3.18
C GLN A 274 20.64 13.41 -2.98
N GLY A 275 21.94 13.54 -2.71
CA GLY A 275 22.49 14.85 -2.41
C GLY A 275 22.34 15.19 -0.92
N GLU A 276 22.17 16.49 -0.66
CA GLU A 276 22.07 17.04 0.69
C GLU A 276 21.33 16.13 1.67
N HIS A 277 20.07 15.87 1.36
CA HIS A 277 19.21 15.04 2.22
C HIS A 277 19.34 13.56 1.84
N SER A 278 18.70 12.72 2.61
CA SER A 278 18.79 11.28 2.41
C SER A 278 17.63 10.60 3.11
N LYS A 279 16.46 11.25 3.06
CA LYS A 279 15.24 10.78 3.73
C LYS A 279 14.33 10.02 2.78
N CYS A 280 14.78 9.78 1.55
CA CYS A 280 13.95 9.05 0.60
C CYS A 280 13.77 7.59 1.05
N SER A 281 12.53 7.12 1.00
CA SER A 281 12.19 5.76 1.37
C SER A 281 11.55 5.06 0.18
N CYS A 282 11.14 3.82 0.40
CA CYS A 282 10.51 3.07 -0.67
C CYS A 282 9.69 1.98 -0.03
N ASP A 283 8.86 1.34 -0.84
CA ASP A 283 8.10 0.21 -0.35
C ASP A 283 8.04 -0.82 -1.46
N ALA A 284 7.79 -2.06 -1.08
CA ALA A 284 7.68 -3.13 -2.06
C ALA A 284 6.66 -4.15 -1.58
N TYR A 285 6.16 -4.94 -2.52
CA TYR A 285 5.35 -6.08 -2.19
C TYR A 285 6.17 -7.36 -2.39
N PRO A 286 5.93 -8.41 -1.55
CA PRO A 286 6.80 -9.60 -1.52
C PRO A 286 6.52 -10.64 -2.61
N TYR A 287 6.49 -10.20 -3.86
CA TYR A 287 6.21 -11.07 -4.99
C TYR A 287 7.06 -10.64 -6.18
N ALA A 288 7.31 -11.60 -7.07
CA ALA A 288 8.04 -11.36 -8.31
C ALA A 288 7.11 -11.20 -9.50
N ALA A 289 5.88 -10.75 -9.25
CA ALA A 289 4.90 -10.50 -10.30
C ALA A 289 4.18 -9.20 -9.98
N SER A 290 4.02 -8.37 -11.00
CA SER A 290 3.26 -7.14 -10.87
C SER A 290 1.84 -7.36 -11.34
N SER A 291 0.98 -6.37 -11.11
CA SER A 291 -0.41 -6.47 -11.56
C SER A 291 -0.92 -5.08 -11.87
N SER A 292 -1.71 -4.99 -12.93
CA SER A 292 -2.44 -3.80 -13.31
C SER A 292 -3.34 -4.17 -14.47
N THR A 293 -3.90 -3.17 -15.14
CA THR A 293 -4.62 -3.41 -16.37
C THR A 293 -3.67 -3.97 -17.43
N LEU A 294 -4.23 -4.70 -18.38
CA LEU A 294 -3.42 -5.14 -19.51
C LEU A 294 -2.89 -3.93 -20.26
N ASP A 295 -1.57 -3.83 -20.38
CA ASP A 295 -0.87 -2.73 -21.02
C ASP A 295 -0.12 -3.28 -22.24
N LEU A 296 -0.53 -2.87 -23.44
CA LEU A 296 0.14 -3.33 -24.66
C LEU A 296 1.65 -3.15 -24.60
N ASN A 297 2.12 -2.10 -23.93
CA ASN A 297 3.55 -1.83 -23.85
C ASN A 297 4.30 -2.84 -22.97
N GLN A 298 3.60 -3.57 -22.11
CA GLN A 298 4.27 -4.55 -21.27
C GLN A 298 4.17 -5.96 -21.83
N VAL A 299 3.45 -6.17 -22.93
CA VAL A 299 3.30 -7.50 -23.51
C VAL A 299 4.64 -7.99 -24.02
N THR A 300 5.03 -9.19 -23.60
CA THR A 300 6.27 -9.82 -24.03
C THR A 300 6.13 -11.32 -23.86
N ASP A 301 6.93 -12.07 -24.62
CA ASP A 301 7.02 -13.50 -24.38
C ASP A 301 8.18 -13.86 -23.46
N ASP A 302 8.83 -12.85 -22.83
CA ASP A 302 9.95 -13.12 -21.95
C ASP A 302 9.56 -13.78 -20.64
N PHE A 303 8.30 -13.67 -20.24
CA PHE A 303 7.85 -14.27 -18.99
C PHE A 303 6.34 -14.45 -19.07
N ASP A 304 5.83 -15.25 -18.15
CA ASP A 304 4.39 -15.46 -18.07
C ASP A 304 3.65 -14.15 -17.79
N ILE A 305 2.61 -13.92 -18.57
CA ILE A 305 1.62 -12.88 -18.32
C ILE A 305 0.27 -13.58 -18.19
N PHE A 306 -0.40 -13.40 -17.07
CA PHE A 306 -1.65 -14.09 -16.75
C PHE A 306 -2.79 -13.09 -16.76
N ILE A 307 -3.83 -13.35 -17.55
CA ILE A 307 -4.96 -12.44 -17.69
C ILE A 307 -5.94 -12.69 -16.56
N THR A 308 -6.21 -11.66 -15.75
CA THR A 308 -7.13 -11.88 -14.63
C THR A 308 -8.57 -11.57 -14.99
N TRP A 309 -8.81 -10.63 -15.89
CA TRP A 309 -10.15 -10.37 -16.38
C TRP A 309 -10.02 -9.73 -17.74
N SER A 310 -11.05 -9.92 -18.58
CA SER A 310 -11.14 -9.22 -19.85
C SER A 310 -12.60 -8.82 -20.05
N ASP A 311 -12.84 -7.51 -20.20
CA ASP A 311 -14.19 -7.07 -20.56
C ASP A 311 -14.54 -7.44 -22.00
N SER A 312 -13.54 -7.51 -22.89
CA SER A 312 -13.80 -7.94 -24.26
C SER A 312 -14.02 -9.45 -24.35
N HIS A 313 -13.18 -10.24 -23.68
CA HIS A 313 -13.19 -11.69 -23.78
C HIS A 313 -13.11 -12.31 -22.38
N PRO A 314 -14.22 -12.27 -21.64
CA PRO A 314 -14.22 -12.91 -20.31
C PRO A 314 -14.01 -14.41 -20.36
N GLU A 315 -14.21 -15.05 -21.52
CA GLU A 315 -13.92 -16.48 -21.59
C GLU A 315 -12.43 -16.78 -21.55
N MET A 316 -11.58 -15.75 -21.66
CA MET A 316 -10.14 -15.93 -21.60
C MET A 316 -9.53 -15.45 -20.30
N ALA A 317 -10.35 -14.97 -19.36
CA ALA A 317 -9.87 -14.67 -18.02
C ALA A 317 -9.22 -15.90 -17.39
N GLU A 318 -8.24 -15.65 -16.52
CA GLU A 318 -7.53 -16.68 -15.77
C GLU A 318 -6.78 -17.63 -16.69
N GLN A 319 -6.17 -17.06 -17.73
CA GLN A 319 -5.36 -17.83 -18.64
C GLN A 319 -4.07 -17.07 -18.94
N LEU A 320 -3.04 -17.83 -19.32
CA LEU A 320 -1.78 -17.26 -19.79
C LEU A 320 -1.93 -16.61 -21.16
N LEU A 321 -1.33 -15.44 -21.31
CA LEU A 321 -1.42 -14.73 -22.58
C LEU A 321 -0.86 -15.57 -23.71
N ALA A 322 0.24 -16.29 -23.47
CA ALA A 322 0.80 -17.17 -24.49
C ALA A 322 -0.19 -18.24 -24.90
N ASP A 323 -0.96 -18.78 -23.95
CA ASP A 323 -1.95 -19.81 -24.26
C ASP A 323 -3.15 -19.22 -25.00
N ILE A 324 -3.58 -18.04 -24.60
CA ILE A 324 -4.66 -17.39 -25.32
C ILE A 324 -4.24 -17.13 -26.76
N ALA A 325 -3.04 -16.57 -26.93
CA ALA A 325 -2.51 -16.29 -28.25
C ALA A 325 -2.47 -17.55 -29.10
N LYS A 326 -2.03 -18.67 -28.53
CA LYS A 326 -1.95 -19.91 -29.29
C LYS A 326 -3.33 -20.41 -29.69
N GLN A 327 -4.30 -20.33 -28.77
CA GLN A 327 -5.66 -20.75 -29.08
C GLN A 327 -6.25 -19.89 -30.17
N TRP A 328 -5.86 -18.62 -30.21
CA TRP A 328 -6.42 -17.65 -31.12
C TRP A 328 -5.67 -17.59 -32.45
N GLY A 329 -4.53 -18.28 -32.57
CA GLY A 329 -3.72 -18.25 -33.78
C GLY A 329 -3.06 -16.94 -34.11
N ILE A 330 -2.79 -16.09 -33.13
CA ILE A 330 -2.24 -14.78 -33.37
C ILE A 330 -1.14 -14.51 -32.34
N SER A 331 -0.47 -13.38 -32.50
CA SER A 331 0.62 -13.03 -31.61
C SER A 331 0.09 -12.62 -30.23
N LEU A 332 0.98 -12.69 -29.25
CA LEU A 332 0.65 -12.21 -27.90
C LEU A 332 0.15 -10.78 -27.91
N LEU A 333 0.83 -9.91 -28.66
CA LEU A 333 0.44 -8.51 -28.71
C LEU A 333 -0.93 -8.34 -29.34
N ASP A 334 -1.15 -8.97 -30.49
CA ASP A 334 -2.46 -8.94 -31.12
C ASP A 334 -3.53 -9.53 -30.20
N ALA A 335 -3.22 -10.64 -29.54
CA ALA A 335 -4.16 -11.20 -28.57
C ALA A 335 -4.43 -10.20 -27.45
N ALA A 336 -3.37 -9.60 -26.91
CA ALA A 336 -3.58 -8.62 -25.85
C ALA A 336 -4.47 -7.48 -26.33
N LYS A 337 -4.24 -7.01 -27.56
CA LYS A 337 -5.07 -5.94 -28.09
C LYS A 337 -6.54 -6.31 -28.10
N GLN A 338 -6.87 -7.54 -28.54
CA GLN A 338 -8.27 -7.96 -28.56
C GLN A 338 -8.82 -8.20 -27.18
N LEU A 339 -7.95 -8.33 -26.16
CA LEU A 339 -8.37 -8.61 -24.81
C LEU A 339 -8.67 -7.36 -24.01
N GLN A 340 -8.16 -6.22 -24.45
CA GLN A 340 -8.36 -4.96 -23.74
C GLN A 340 -9.82 -4.50 -23.80
N PRO A 341 -10.32 -3.86 -22.74
CA PRO A 341 -9.66 -3.63 -21.45
C PRO A 341 -9.63 -4.94 -20.66
N ALA A 342 -8.51 -5.17 -19.97
CA ALA A 342 -8.30 -6.43 -19.29
C ALA A 342 -7.36 -6.20 -18.12
N GLY A 343 -7.28 -7.18 -17.21
CA GLY A 343 -6.36 -7.15 -16.10
C GLY A 343 -5.30 -8.20 -16.31
N ALA A 344 -4.12 -7.99 -15.73
CA ALA A 344 -3.05 -8.95 -15.92
C ALA A 344 -2.15 -8.99 -14.70
N VAL A 345 -1.55 -10.17 -14.49
CA VAL A 345 -0.45 -10.37 -13.57
C VAL A 345 0.78 -10.64 -14.41
N TYR A 346 1.79 -9.79 -14.29
CA TYR A 346 2.98 -9.84 -15.13
C TYR A 346 4.09 -10.43 -14.30
N HIS A 347 4.55 -11.63 -14.65
CA HIS A 347 5.62 -12.27 -13.90
C HIS A 347 6.96 -11.72 -14.37
N GLY A 348 7.06 -10.38 -14.32
CA GLY A 348 8.15 -9.64 -14.88
C GLY A 348 9.34 -9.38 -13.98
N LEU A 349 9.33 -9.88 -12.76
CA LEU A 349 10.39 -9.56 -11.81
C LEU A 349 11.17 -10.82 -11.46
N ASN A 350 12.39 -10.59 -10.99
CA ASN A 350 13.31 -11.65 -10.60
C ASN A 350 13.30 -11.80 -9.08
N GLU A 351 13.27 -13.05 -8.62
CA GLU A 351 13.07 -13.32 -7.19
C GLU A 351 14.22 -12.79 -6.34
N ASP A 352 15.45 -12.87 -6.87
CA ASP A 352 16.58 -12.37 -6.09
C ASP A 352 16.54 -10.85 -5.99
N ASP A 353 16.13 -10.17 -7.07
CA ASP A 353 15.89 -8.74 -7.02
C ASP A 353 14.90 -8.42 -5.91
N VAL A 354 13.79 -9.15 -5.88
CA VAL A 354 12.76 -8.96 -4.87
C VAL A 354 13.36 -9.11 -3.48
N LYS A 355 14.09 -10.20 -3.24
CA LYS A 355 14.67 -10.45 -1.92
C LYS A 355 15.56 -9.29 -1.51
N THR A 356 16.43 -8.84 -2.41
CA THR A 356 17.33 -7.73 -2.14
C THR A 356 16.56 -6.45 -1.83
N ILE A 357 15.55 -6.14 -2.64
CA ILE A 357 14.75 -4.94 -2.42
C ILE A 357 13.98 -5.06 -1.10
N LEU A 358 13.46 -6.26 -0.79
CA LEU A 358 12.76 -6.49 0.49
C LEU A 358 13.72 -6.35 1.66
N ALA A 359 14.95 -6.86 1.52
CA ALA A 359 15.93 -6.81 2.61
C ALA A 359 16.44 -5.40 2.86
N PHE A 360 16.48 -4.57 1.81
CA PHE A 360 16.90 -3.19 1.93
C PHE A 360 16.20 -2.54 3.11
N ASP A 361 16.99 -1.93 4.01
CA ASP A 361 16.43 -1.39 5.26
C ASP A 361 15.50 -0.19 5.02
N LYS A 362 15.59 0.47 3.87
CA LYS A 362 14.65 1.55 3.58
C LYS A 362 13.26 1.04 3.22
N THR A 363 13.09 -0.27 3.01
CA THR A 363 11.91 -0.78 2.31
C THR A 363 10.81 -1.14 3.31
N MET A 364 9.69 -0.45 3.19
CA MET A 364 8.44 -0.73 3.88
C MET A 364 7.66 -1.75 3.07
N ILE A 365 6.78 -2.48 3.74
CA ILE A 365 5.94 -3.44 3.05
C ILE A 365 4.64 -2.78 2.69
N GLY A 366 4.27 -2.85 1.41
CA GLY A 366 2.95 -2.46 0.95
C GLY A 366 2.41 -3.51 -0.02
N SER A 367 1.10 -3.78 0.03
CA SER A 367 0.56 -4.89 -0.74
C SER A 367 0.38 -4.55 -2.21
N ALA A 368 0.06 -3.28 -2.54
CA ALA A 368 -0.43 -2.92 -3.86
C ALA A 368 -1.62 -3.79 -4.26
N GLY A 369 -2.40 -4.22 -3.27
CA GLY A 369 -3.58 -5.00 -3.59
C GLY A 369 -4.54 -4.18 -4.43
N LEU A 370 -5.16 -4.82 -5.41
CA LEU A 370 -6.10 -4.16 -6.31
C LEU A 370 -7.50 -4.66 -5.97
N PRO A 371 -8.28 -3.90 -5.19
CA PRO A 371 -9.51 -4.47 -4.62
C PRO A 371 -10.62 -4.71 -5.64
N CYS A 372 -10.56 -4.10 -6.82
CA CYS A 372 -11.60 -4.31 -7.83
C CYS A 372 -11.30 -5.46 -8.78
N ASP A 373 -10.11 -6.04 -8.74
CA ASP A 373 -9.79 -7.12 -9.66
C ASP A 373 -10.60 -8.36 -9.29
N PRO A 374 -11.44 -8.90 -10.19
CA PRO A 374 -12.20 -10.12 -9.85
C PRO A 374 -11.33 -11.32 -9.53
N HIS A 375 -10.12 -11.41 -10.09
CA HIS A 375 -9.16 -12.45 -9.74
C HIS A 375 -7.84 -11.77 -9.40
N PRO A 376 -7.70 -11.29 -8.17
CA PRO A 376 -6.61 -10.37 -7.86
C PRO A 376 -5.27 -11.09 -7.77
N HIS A 377 -4.20 -10.36 -8.07
CA HIS A 377 -2.88 -10.79 -7.67
C HIS A 377 -2.95 -11.14 -6.17
N PRO A 378 -2.40 -12.28 -5.73
CA PRO A 378 -2.57 -12.70 -4.34
C PRO A 378 -1.93 -11.76 -3.31
N ARG A 379 -1.14 -10.77 -3.74
CA ARG A 379 -0.63 -9.77 -2.82
C ARG A 379 -1.77 -9.09 -2.06
N LEU A 380 -2.97 -9.07 -2.65
CA LEU A 380 -4.12 -8.47 -1.98
C LEU A 380 -4.45 -9.22 -0.70
N TRP A 381 -4.08 -10.49 -0.62
CA TRP A 381 -4.46 -11.33 0.50
C TRP A 381 -3.29 -11.95 1.24
N GLY A 382 -2.08 -11.91 0.68
CA GLY A 382 -0.98 -12.60 1.33
C GLY A 382 0.24 -11.79 1.71
N SER A 383 0.31 -10.51 1.31
CA SER A 383 1.58 -9.78 1.35
C SER A 383 2.23 -9.84 2.72
N PHE A 384 1.50 -9.49 3.75
CA PHE A 384 2.14 -9.26 5.04
C PHE A 384 2.51 -10.57 5.71
N PRO A 385 1.63 -11.59 5.72
CA PRO A 385 2.05 -12.89 6.26
C PRO A 385 3.12 -13.55 5.41
N ARG A 386 3.18 -13.23 4.12
CA ARG A 386 4.22 -13.77 3.26
C ARG A 386 5.58 -13.22 3.66
N VAL A 387 5.64 -11.94 4.04
CA VAL A 387 6.86 -11.39 4.58
C VAL A 387 7.23 -12.10 5.87
N LEU A 388 6.25 -12.35 6.73
CA LEU A 388 6.53 -12.88 8.06
C LEU A 388 6.86 -14.38 8.00
N GLY A 389 6.11 -15.14 7.21
CA GLY A 389 6.29 -16.57 7.18
C GLY A 389 7.20 -17.03 6.06
N HIS A 390 7.01 -16.48 4.87
CA HIS A 390 7.80 -16.94 3.75
C HIS A 390 9.22 -16.36 3.78
N TYR A 391 9.34 -15.03 3.76
CA TYR A 391 10.66 -14.42 3.61
C TYR A 391 11.43 -14.42 4.92
N SER A 392 10.73 -14.24 6.04
CA SER A 392 11.42 -14.24 7.32
C SER A 392 11.65 -15.67 7.79
N ARG A 393 10.59 -16.36 8.22
CA ARG A 393 10.76 -17.68 8.80
C ARG A 393 11.39 -18.66 7.81
N GLU A 394 10.73 -18.88 6.67
CA GLU A 394 11.18 -19.92 5.75
C GLU A 394 12.49 -19.52 5.07
N GLN A 395 12.52 -18.36 4.41
CA GLN A 395 13.70 -17.97 3.64
C GLN A 395 14.82 -17.39 4.52
N GLY A 396 14.52 -16.90 5.72
CA GLY A 396 15.57 -16.32 6.54
C GLY A 396 16.20 -15.04 6.02
N ILE A 397 15.54 -14.33 5.10
CA ILE A 397 16.09 -13.07 4.55
C ILE A 397 16.33 -12.06 5.67
N PHE A 398 15.54 -12.13 6.74
CA PHE A 398 15.63 -11.19 7.85
C PHE A 398 14.89 -11.78 9.03
N SER A 399 15.20 -11.25 10.21
CA SER A 399 14.55 -11.71 11.42
C SER A 399 13.09 -11.29 11.44
N LEU A 400 12.36 -11.89 12.38
CA LEU A 400 10.96 -11.55 12.55
C LEU A 400 10.81 -10.11 13.04
N ALA A 401 11.68 -9.69 13.98
CA ALA A 401 11.68 -8.30 14.41
C ALA A 401 11.90 -7.35 13.24
N THR A 402 12.82 -7.68 12.35
CA THR A 402 13.05 -6.84 11.17
C THR A 402 11.82 -6.81 10.27
N ALA A 403 11.28 -7.99 9.97
CA ALA A 403 10.10 -8.07 9.12
C ALA A 403 8.97 -7.25 9.69
N ILE A 404 8.71 -7.39 11.00
CA ILE A 404 7.64 -6.64 11.64
C ILE A 404 7.93 -5.15 11.59
N HIS A 405 9.19 -4.77 11.84
CA HIS A 405 9.56 -3.36 11.82
C HIS A 405 9.17 -2.70 10.50
N LYS A 406 9.38 -3.41 9.39
CA LYS A 406 9.17 -2.90 8.04
C LYS A 406 7.70 -2.76 7.67
N MET A 407 6.80 -3.17 8.56
CA MET A 407 5.37 -3.07 8.31
C MET A 407 4.65 -2.39 9.46
N THR A 408 5.39 -1.80 10.40
CA THR A 408 4.83 -1.13 11.55
C THR A 408 5.65 0.14 11.82
N GLY A 409 6.69 0.06 12.65
CA GLY A 409 7.34 1.29 13.12
C GLY A 409 7.99 2.08 12.01
N LEU A 410 8.69 1.40 11.09
CA LEU A 410 9.29 2.10 9.95
C LEU A 410 8.23 2.86 9.17
N SER A 411 7.04 2.26 9.04
CA SER A 411 5.99 2.82 8.20
C SER A 411 5.28 3.96 8.92
N ALA A 412 4.95 3.79 10.21
CA ALA A 412 4.38 4.89 10.98
C ALA A 412 5.33 6.08 11.01
N ALA A 413 6.64 5.83 11.11
CA ALA A 413 7.62 6.92 11.11
C ALA A 413 7.67 7.61 9.75
N ASN A 414 7.77 6.83 8.67
CA ASN A 414 7.90 7.44 7.35
C ASN A 414 6.65 8.21 6.93
N TYR A 415 5.46 7.78 7.35
CA TYR A 415 4.22 8.48 7.04
C TYR A 415 3.74 9.37 8.17
N ARG A 416 4.52 9.48 9.25
CA ARG A 416 4.20 10.36 10.38
C ARG A 416 2.81 10.05 10.95
N LEU A 417 2.52 8.76 11.13
CA LEU A 417 1.27 8.31 11.74
C LEU A 417 1.44 8.36 13.25
N ALA A 418 0.81 9.33 13.90
CA ALA A 418 1.08 9.60 15.30
C ALA A 418 0.55 8.46 16.16
N ASN A 419 1.41 7.96 17.05
CA ASN A 419 1.02 7.01 18.09
C ASN A 419 0.54 5.68 17.52
N ARG A 420 1.09 5.30 16.37
CA ARG A 420 0.79 4.03 15.74
C ARG A 420 2.09 3.36 15.34
N GLY A 421 1.97 2.09 14.96
CA GLY A 421 3.10 1.31 14.48
C GLY A 421 4.07 0.87 15.53
N VAL A 422 3.83 1.20 16.80
CA VAL A 422 4.76 0.91 17.89
C VAL A 422 3.98 0.51 19.13
N ILE A 423 4.39 -0.60 19.76
CA ILE A 423 3.79 -1.01 21.03
C ILE A 423 4.50 -0.23 22.12
N LYS A 424 3.87 0.85 22.57
CA LYS A 424 4.43 1.76 23.57
C LYS A 424 3.25 2.34 24.33
N VAL A 425 3.46 2.64 25.62
CA VAL A 425 2.36 3.12 26.44
C VAL A 425 1.88 4.45 25.88
N GLY A 426 0.57 4.59 25.78
CA GLY A 426 -0.02 5.81 25.26
C GLY A 426 -0.23 5.83 23.77
N HIS A 427 0.27 4.83 23.05
CA HIS A 427 -0.01 4.71 21.62
C HIS A 427 -1.32 3.97 21.43
N PHE A 428 -1.86 4.07 20.22
CA PHE A 428 -3.12 3.40 19.92
C PHE A 428 -2.93 1.89 19.93
N ALA A 429 -3.98 1.18 20.33
CA ALA A 429 -3.90 -0.27 20.43
C ALA A 429 -4.34 -0.89 19.11
N ASP A 430 -3.53 -0.65 18.08
CA ASP A 430 -3.58 -1.43 16.85
C ASP A 430 -2.58 -2.57 17.05
N LEU A 431 -3.08 -3.80 17.01
CA LEU A 431 -2.27 -4.93 17.49
C LEU A 431 -2.66 -6.17 16.73
N VAL A 432 -1.68 -7.02 16.46
CA VAL A 432 -1.93 -8.30 15.83
C VAL A 432 -1.25 -9.38 16.66
N LEU A 433 -2.00 -10.45 16.92
CA LEU A 433 -1.56 -11.58 17.72
C LEU A 433 -1.47 -12.77 16.76
N PHE A 434 -0.28 -13.35 16.66
CA PHE A 434 -0.06 -14.35 15.64
C PHE A 434 0.95 -15.39 16.12
N ASP A 435 0.93 -16.53 15.43
CA ASP A 435 1.84 -17.64 15.68
C ASP A 435 3.03 -17.50 14.74
N ALA A 436 4.23 -17.24 15.30
CA ALA A 436 5.38 -16.97 14.45
C ALA A 436 5.74 -18.18 13.60
N ASP A 437 5.42 -19.39 14.08
CA ASP A 437 5.74 -20.62 13.37
C ASP A 437 4.68 -21.01 12.36
N GLU A 438 3.45 -20.56 12.53
CA GLU A 438 2.39 -20.93 11.61
C GLU A 438 2.06 -19.86 10.60
N ILE A 439 2.46 -18.61 10.84
CA ILE A 439 2.02 -17.52 9.98
C ILE A 439 2.57 -17.76 8.58
N ILE A 440 1.70 -17.59 7.59
CA ILE A 440 2.03 -17.84 6.19
C ILE A 440 0.89 -17.34 5.32
N ASP A 441 1.21 -16.95 4.10
CA ASP A 441 0.21 -16.57 3.12
C ASP A 441 -0.33 -17.83 2.44
N ASN A 442 -1.65 -17.91 2.26
CA ASN A 442 -2.18 -19.03 1.51
C ASN A 442 -2.59 -18.65 0.10
N ALA A 443 -2.69 -17.37 -0.20
CA ALA A 443 -3.13 -16.92 -1.52
C ALA A 443 -2.06 -17.24 -2.56
N THR A 444 -2.48 -17.94 -3.61
CA THR A 444 -1.61 -18.29 -4.73
C THR A 444 -2.06 -17.53 -5.96
N PHE A 445 -1.28 -17.66 -7.04
CA PHE A 445 -1.70 -17.04 -8.29
C PHE A 445 -2.96 -17.70 -8.85
N VAL A 446 -3.23 -18.95 -8.48
CA VAL A 446 -4.48 -19.59 -8.87
C VAL A 446 -5.61 -19.27 -7.90
N GLU A 447 -5.38 -19.40 -6.59
CA GLU A 447 -6.41 -19.17 -5.58
C GLU A 447 -5.97 -17.96 -4.76
N SER A 448 -6.32 -16.78 -5.25
CA SER A 448 -5.66 -15.56 -4.81
C SER A 448 -6.41 -14.83 -3.71
N ALA A 449 -7.51 -15.41 -3.21
CA ALA A 449 -8.24 -14.85 -2.09
C ALA A 449 -8.18 -15.73 -0.86
N LEU A 450 -7.41 -16.81 -0.90
CA LEU A 450 -7.27 -17.67 0.26
C LEU A 450 -6.69 -16.86 1.41
N PRO A 451 -7.37 -16.76 2.54
CA PRO A 451 -6.84 -16.00 3.68
C PRO A 451 -5.62 -16.66 4.29
N ALA A 452 -4.74 -15.81 4.83
CA ALA A 452 -3.53 -16.26 5.52
C ALA A 452 -3.87 -17.08 6.76
N SER A 453 -2.88 -17.88 7.18
CA SER A 453 -2.91 -18.67 8.40
C SER A 453 -2.01 -18.05 9.46
N GLY A 454 -2.27 -18.39 10.71
CA GLY A 454 -1.36 -18.02 11.77
C GLY A 454 -1.70 -16.74 12.49
N ILE A 455 -2.66 -15.96 12.01
CA ILE A 455 -3.08 -14.77 12.71
C ILE A 455 -4.27 -15.12 13.59
N HIS A 456 -4.15 -14.83 14.88
CA HIS A 456 -5.14 -15.22 15.88
C HIS A 456 -6.11 -14.11 16.21
N GLN A 457 -5.62 -12.89 16.30
CA GLN A 457 -6.47 -11.79 16.74
C GLN A 457 -5.86 -10.49 16.26
N VAL A 458 -6.74 -9.58 15.82
CA VAL A 458 -6.36 -8.23 15.41
C VAL A 458 -7.22 -7.26 16.19
N TRP A 459 -6.60 -6.21 16.70
CA TRP A 459 -7.28 -5.08 17.33
C TRP A 459 -6.97 -3.83 16.51
N THR A 460 -8.00 -3.06 16.19
CA THR A 460 -7.82 -1.71 15.65
C THR A 460 -8.34 -0.73 16.69
N ASN A 461 -7.47 0.10 17.23
CA ASN A 461 -7.86 1.07 18.25
C ASN A 461 -8.56 0.40 19.43
N GLY A 462 -8.01 -0.74 19.87
CA GLY A 462 -8.49 -1.40 21.08
C GLY A 462 -9.73 -2.25 20.90
N GLN A 463 -10.30 -2.29 19.70
CA GLN A 463 -11.46 -3.13 19.45
C GLN A 463 -11.05 -4.22 18.47
N THR A 464 -11.59 -5.42 18.66
CA THR A 464 -11.14 -6.60 17.93
C THR A 464 -11.82 -6.65 16.56
N THR A 465 -11.01 -6.59 15.51
CA THR A 465 -11.52 -6.62 14.15
C THR A 465 -11.34 -7.98 13.50
N PHE A 466 -10.59 -8.88 14.14
CA PHE A 466 -10.37 -10.23 13.65
C PHE A 466 -10.05 -11.13 14.83
N LYS A 467 -10.62 -12.32 14.79
CA LYS A 467 -10.41 -13.27 15.88
C LYS A 467 -10.85 -14.65 15.40
N ASP A 468 -9.94 -15.61 15.48
CA ASP A 468 -10.21 -17.03 15.19
C ASP A 468 -10.96 -17.19 13.87
N LYS A 469 -10.34 -16.69 12.80
CA LYS A 469 -10.77 -16.78 11.40
C LYS A 469 -11.96 -15.89 11.07
N ARG A 470 -12.53 -15.17 12.03
CA ARG A 470 -13.69 -14.32 11.78
C ARG A 470 -13.21 -12.87 11.61
N VAL A 471 -13.67 -12.21 10.57
CA VAL A 471 -13.53 -10.77 10.47
C VAL A 471 -14.71 -10.16 11.21
N LEU A 472 -14.41 -9.27 12.11
CA LEU A 472 -15.41 -8.69 13.01
C LEU A 472 -15.61 -7.22 12.70
N PRO A 473 -16.83 -6.78 12.52
CA PRO A 473 -17.09 -5.37 12.16
C PRO A 473 -17.09 -4.46 13.38
N ALA A 474 -15.95 -4.41 14.07
CA ALA A 474 -15.82 -3.41 15.14
C ALA A 474 -15.94 -2.00 14.57
N TYR A 475 -15.41 -1.80 13.35
CA TYR A 475 -15.43 -0.50 12.69
C TYR A 475 -14.76 0.55 13.55
N SER A 476 -13.63 0.19 14.14
CA SER A 476 -12.97 1.06 15.09
C SER A 476 -11.83 1.86 14.45
N GLY A 477 -11.65 1.77 13.15
CA GLY A 477 -10.64 2.57 12.50
C GLY A 477 -10.96 4.05 12.53
N GLN A 478 -9.94 4.86 12.36
CA GLN A 478 -10.12 6.30 12.32
C GLN A 478 -9.52 6.84 11.04
N PHE A 479 -10.03 7.99 10.61
CA PHE A 479 -9.34 8.70 9.54
C PHE A 479 -8.17 9.47 10.14
N LEU A 480 -6.97 9.17 9.68
CA LEU A 480 -5.77 9.75 10.27
C LEU A 480 -5.45 11.01 9.46
N THR A 481 -5.85 12.17 9.99
CA THR A 481 -5.63 13.43 9.27
C THR A 481 -4.22 13.94 9.53
N SER A 482 -3.62 14.50 8.48
CA SER A 482 -2.22 14.92 8.52
C SER A 482 -1.97 16.00 9.56
N LEU A 483 -0.79 15.94 10.18
CA LEU A 483 -0.44 16.87 11.25
C LEU A 483 -0.23 18.29 10.73
N GLY A 484 0.33 18.44 9.53
CA GLY A 484 0.66 19.74 8.98
C GLY A 484 2.01 20.26 9.44
C10 A1EEZ B . 4.16 -2.85 -14.01
C12 A1EEZ B . 3.94 -2.34 -12.58
C16 A1EEZ B . 2.75 -3.12 -9.87
C15 A1EEZ B . 2.25 -1.96 -10.71
C14 A1EEZ B . 2.44 -2.33 -12.20
C01 A1EEZ B . -1.38 -0.70 -9.88
C03 A1EEZ B . 0.15 -0.69 -10.12
C08 A1EEZ B . 5.65 -3.06 -14.26
O02 A1EEZ B . 0.79 0.31 -10.06
N04 A1EEZ B . 0.83 -1.91 -10.45
O05 A1EEZ B . 1.96 -4.09 -9.71
O06 A1EEZ B . 3.90 -3.12 -9.35
O07 A1EEZ B . 6.18 -3.96 -13.32
O09 A1EEZ B . 3.48 -4.05 -14.24
O11 A1EEZ B . 4.48 -1.05 -12.50
O13 A1EEZ B . 1.77 -1.39 -13.00
ZN ZN C . 1.87 2.00 -8.90
#